data_4BQC
#
_entry.id   4BQC
#
_cell.length_a   96.160
_cell.length_b   157.840
_cell.length_c   89.920
_cell.angle_alpha   90.00
_cell.angle_beta   90.00
_cell.angle_gamma   90.00
#
_symmetry.space_group_name_H-M   'C 2 2 21'
#
loop_
_entity.id
_entity.type
_entity.pdbx_description
1 polymer NEOGENIN
2 branched 1,3,4,6-tetra-O-sulfo-beta-D-fructofuranose-(2-1)-2,3,4,6-tetra-O-sulfonato-alpha-D-glucopyranose
3 non-polymer 2-acetamido-2-deoxy-beta-D-glucopyranose
4 non-polymer 'SODIUM ION'
#
_entity_poly.entity_id   1
_entity_poly.type   'polypeptide(L)'
_entity_poly.pdbx_seq_one_letter_code
;ETGTPMMPPVGVQASILSHDTIRITWADNSLPKHQKITDSRYYTVRWKTNIPANTKYKNANATTLSYLVTGLKPNTLYEF
SVMVTKGRRSSTWSMTAHGATFELVPTSPPKDVTVVSKEGKPRTIIVNWQPPSEANGKITGYIIYYSTDVNAEIHDWVIE
PVVGNRLTHQIQELTLDTPYYFKIQARNSKGMGPMSEAVQFRTPKADSSDKMPNDQALGSAGKGSRLPDLGSDYKPPMSG
SNSPHGSPTSPLDSNGTKHHHHHH
;
_entity_poly.pdbx_strand_id   A,B
#
loop_
_chem_comp.id
_chem_comp.type
_chem_comp.name
_chem_comp.formula
GU4 D-saccharide, alpha linking 2,3,4,6-tetra-O-sulfonato-alpha-D-glucopyranose 'C6 H12 O18 S4'
NA non-polymer 'SODIUM ION' 'Na 1'
NAG D-saccharide, beta linking 2-acetamido-2-deoxy-beta-D-glucopyranose 'C8 H15 N O6'
YYJ D-saccharide, beta linking 1,3,4,6-tetra-O-sulfo-beta-D-fructofuranose 'C6 H12 O18 S4'
#
# COMPACT_ATOMS: atom_id res chain seq x y z
N THR A 2 -36.86 -22.11 -25.28
CA THR A 2 -35.75 -21.77 -26.16
C THR A 2 -36.22 -20.76 -27.21
N GLY A 3 -36.29 -19.50 -26.83
CA GLY A 3 -36.70 -18.41 -27.71
C GLY A 3 -35.55 -17.47 -27.99
N THR A 4 -34.35 -18.06 -28.23
CA THR A 4 -33.00 -17.50 -28.43
C THR A 4 -32.89 -16.07 -29.02
N PRO A 5 -31.88 -15.22 -28.65
CA PRO A 5 -30.80 -15.38 -27.66
C PRO A 5 -31.09 -14.72 -26.31
N MET A 6 -30.20 -14.85 -25.30
CA MET A 6 -30.53 -14.22 -24.03
C MET A 6 -29.99 -12.81 -23.78
N MET A 7 -30.71 -12.03 -22.94
CA MET A 7 -30.36 -10.64 -22.69
C MET A 7 -29.07 -10.50 -21.97
N PRO A 8 -28.14 -9.65 -22.49
CA PRO A 8 -26.83 -9.50 -21.85
C PRO A 8 -26.91 -8.69 -20.56
N PRO A 9 -26.02 -8.98 -19.58
CA PRO A 9 -26.07 -8.23 -18.31
C PRO A 9 -26.01 -6.69 -18.42
N VAL A 10 -26.70 -6.05 -17.47
CA VAL A 10 -26.84 -4.59 -17.35
C VAL A 10 -26.24 -4.14 -16.01
N GLY A 11 -25.91 -2.86 -15.87
CA GLY A 11 -25.36 -2.30 -14.65
C GLY A 11 -24.00 -2.83 -14.22
N VAL A 12 -23.11 -3.02 -15.19
CA VAL A 12 -21.78 -3.54 -14.92
C VAL A 12 -20.96 -2.47 -14.21
N GLN A 13 -20.40 -2.80 -13.05
CA GLN A 13 -19.64 -1.86 -12.27
C GLN A 13 -18.37 -2.50 -11.70
N ALA A 14 -17.29 -1.72 -11.75
CA ALA A 14 -15.96 -2.03 -11.25
C ALA A 14 -15.74 -1.29 -9.93
N SER A 15 -15.18 -1.98 -8.93
CA SER A 15 -14.86 -1.38 -7.65
C SER A 15 -13.42 -1.74 -7.28
N ILE A 16 -12.53 -0.70 -7.19
CA ILE A 16 -11.11 -0.89 -6.90
C ILE A 16 -10.85 -1.23 -5.45
N LEU A 17 -10.26 -2.44 -5.26
CA LEU A 17 -9.92 -2.97 -3.95
C LEU A 17 -8.49 -2.87 -3.60
N SER A 18 -7.57 -3.26 -4.50
CA SER A 18 -6.13 -3.17 -4.20
C SER A 18 -5.34 -2.83 -5.44
N HIS A 19 -4.02 -3.08 -5.38
CA HIS A 19 -3.15 -2.87 -6.52
C HIS A 19 -3.32 -4.00 -7.56
N ASP A 20 -3.89 -5.15 -7.13
CA ASP A 20 -4.10 -6.37 -7.93
C ASP A 20 -5.56 -6.86 -7.95
N THR A 21 -6.44 -6.20 -7.21
CA THR A 21 -7.86 -6.59 -7.15
C THR A 21 -8.87 -5.48 -7.52
N ILE A 22 -9.83 -5.84 -8.42
CA ILE A 22 -10.98 -5.03 -8.85
C ILE A 22 -12.22 -5.93 -8.76
N ARG A 23 -13.26 -5.49 -8.06
CA ARG A 23 -14.51 -6.27 -7.91
C ARG A 23 -15.57 -5.87 -8.94
N ILE A 24 -16.05 -6.85 -9.69
CA ILE A 24 -17.07 -6.62 -10.71
C ILE A 24 -18.46 -7.09 -10.27
N THR A 25 -19.44 -6.16 -10.39
CA THR A 25 -20.83 -6.41 -10.07
C THR A 25 -21.68 -6.11 -11.31
N TRP A 26 -22.84 -6.75 -11.44
CA TRP A 26 -23.79 -6.51 -12.51
C TRP A 26 -25.24 -6.86 -12.12
N ALA A 27 -26.16 -6.70 -13.07
CA ALA A 27 -27.58 -6.96 -12.93
C ALA A 27 -28.06 -7.89 -14.02
N ASP A 28 -28.98 -8.81 -13.65
CA ASP A 28 -29.57 -9.72 -14.62
C ASP A 28 -31.09 -9.57 -14.64
N ASN A 29 -31.62 -8.56 -15.36
CA ASN A 29 -33.07 -8.32 -15.50
C ASN A 29 -33.86 -9.64 -15.79
N SER A 30 -33.21 -10.54 -16.57
CA SER A 30 -33.78 -11.82 -16.90
C SER A 30 -33.52 -12.80 -15.74
N LEU A 31 -34.20 -12.57 -14.59
CA LEU A 31 -34.17 -13.42 -13.38
C LEU A 31 -35.54 -13.53 -12.71
N THR A 38 -30.59 -20.19 -9.40
CA THR A 38 -31.48 -21.34 -9.10
C THR A 38 -31.48 -22.40 -10.23
N ASP A 39 -31.44 -21.94 -11.50
CA ASP A 39 -31.39 -22.79 -12.70
C ASP A 39 -29.94 -23.12 -13.10
N SER A 40 -29.76 -23.82 -14.23
CA SER A 40 -28.47 -24.27 -14.74
C SER A 40 -27.52 -23.15 -15.27
N ARG A 41 -27.97 -21.88 -15.30
CA ARG A 41 -27.23 -20.71 -15.84
C ARG A 41 -25.98 -20.34 -15.07
N TYR A 42 -25.03 -19.66 -15.77
CA TYR A 42 -23.74 -19.15 -15.26
C TYR A 42 -23.24 -17.95 -16.06
N TYR A 43 -22.46 -17.08 -15.41
CA TYR A 43 -21.90 -15.89 -16.04
C TYR A 43 -20.44 -16.08 -16.31
N THR A 44 -20.01 -15.51 -17.43
CA THR A 44 -18.60 -15.50 -17.81
C THR A 44 -18.12 -14.05 -17.84
N VAL A 45 -17.11 -13.73 -17.01
CA VAL A 45 -16.53 -12.38 -16.93
C VAL A 45 -15.26 -12.35 -17.77
N ARG A 46 -15.13 -11.34 -18.64
CA ARG A 46 -13.91 -11.18 -19.41
C ARG A 46 -13.24 -9.85 -19.09
N TRP A 47 -11.89 -9.83 -19.09
CA TRP A 47 -11.13 -8.60 -18.84
C TRP A 47 -9.83 -8.57 -19.57
N LYS A 48 -9.39 -7.35 -19.95
CA LYS A 48 -8.12 -7.12 -20.63
C LYS A 48 -7.59 -5.73 -20.35
N THR A 49 -6.26 -5.56 -20.42
CA THR A 49 -5.64 -4.26 -20.23
C THR A 49 -6.02 -3.34 -21.40
N ASN A 50 -6.48 -2.12 -21.06
CA ASN A 50 -6.88 -1.08 -21.99
C ASN A 50 -5.82 -0.81 -23.07
N ILE A 51 -4.50 -0.76 -22.67
CA ILE A 51 -3.32 -0.55 -23.53
C ILE A 51 -2.24 -1.66 -23.35
N PRO A 52 -1.64 -2.25 -24.42
CA PRO A 52 -1.87 -2.02 -25.87
C PRO A 52 -3.31 -2.30 -26.32
N ALA A 53 -3.67 -1.77 -27.51
CA ALA A 53 -5.01 -1.93 -28.09
C ALA A 53 -5.37 -3.41 -28.30
N ASN A 54 -4.49 -4.18 -28.94
CA ASN A 54 -4.74 -5.60 -29.14
C ASN A 54 -4.08 -6.41 -28.04
N THR A 55 -4.91 -7.03 -27.19
CA THR A 55 -4.50 -7.89 -26.09
C THR A 55 -5.52 -9.04 -26.02
N LYS A 56 -5.08 -10.20 -25.52
CA LYS A 56 -5.93 -11.37 -25.33
C LYS A 56 -6.68 -11.19 -24.00
N TYR A 57 -7.96 -11.54 -24.00
CA TYR A 57 -8.86 -11.45 -22.84
C TYR A 57 -8.66 -12.63 -21.91
N LYS A 58 -8.79 -12.39 -20.60
CA LYS A 58 -8.79 -13.47 -19.59
C LYS A 58 -10.25 -13.70 -19.20
N ASN A 59 -10.61 -14.92 -18.82
CA ASN A 59 -12.02 -15.25 -18.54
C ASN A 59 -12.21 -15.90 -17.19
N ALA A 60 -13.45 -15.92 -16.71
CA ALA A 60 -13.78 -16.53 -15.43
C ALA A 60 -15.27 -16.82 -15.32
N ASN A 61 -15.62 -17.91 -14.66
CA ASN A 61 -17.03 -18.27 -14.48
C ASN A 61 -17.48 -17.83 -13.10
N ALA A 62 -18.78 -17.44 -12.99
CA ALA A 62 -19.39 -17.02 -11.72
C ALA A 62 -20.86 -17.30 -11.73
N THR A 63 -21.36 -17.90 -10.65
CA THR A 63 -22.79 -18.19 -10.52
C THR A 63 -23.51 -17.01 -9.89
N THR A 64 -22.78 -16.16 -9.12
CA THR A 64 -23.35 -14.97 -8.48
C THR A 64 -23.32 -13.72 -9.40
N LEU A 65 -23.99 -12.62 -9.00
CA LEU A 65 -23.99 -11.37 -9.78
C LEU A 65 -22.87 -10.46 -9.28
N SER A 66 -21.69 -11.09 -9.11
CA SER A 66 -20.44 -10.53 -8.64
C SER A 66 -19.30 -11.45 -9.02
N TYR A 67 -18.12 -10.87 -9.28
CA TYR A 67 -16.86 -11.56 -9.55
C TYR A 67 -15.64 -10.71 -9.15
N LEU A 68 -14.74 -11.30 -8.39
CA LEU A 68 -13.54 -10.61 -7.93
C LEU A 68 -12.34 -10.97 -8.79
N VAL A 69 -11.93 -10.02 -9.65
CA VAL A 69 -10.77 -10.17 -10.54
C VAL A 69 -9.49 -9.99 -9.73
N THR A 70 -8.69 -11.07 -9.63
CA THR A 70 -7.42 -11.10 -8.89
C THR A 70 -6.16 -11.08 -9.78
N GLY A 71 -5.00 -10.99 -9.11
CA GLY A 71 -3.69 -10.99 -9.74
C GLY A 71 -3.53 -10.00 -10.89
N LEU A 72 -3.85 -8.73 -10.64
CA LEU A 72 -3.72 -7.68 -11.63
C LEU A 72 -2.44 -6.87 -11.46
N LYS A 73 -2.05 -6.12 -12.51
CA LYS A 73 -0.83 -5.31 -12.49
C LYS A 73 -1.17 -4.10 -11.67
N PRO A 74 -0.22 -3.55 -10.89
CA PRO A 74 -0.53 -2.32 -10.16
C PRO A 74 -0.58 -1.13 -11.10
N ASN A 75 -1.33 -0.07 -10.71
CA ASN A 75 -1.44 1.20 -11.43
C ASN A 75 -1.74 0.94 -12.95
N THR A 76 -2.70 -0.01 -13.22
CA THR A 76 -3.09 -0.43 -14.57
C THR A 76 -4.59 -0.34 -14.82
N LEU A 77 -4.97 0.17 -16.00
CA LEU A 77 -6.37 0.31 -16.39
C LEU A 77 -6.85 -0.88 -17.22
N TYR A 78 -7.96 -1.48 -16.77
CA TYR A 78 -8.57 -2.65 -17.39
C TYR A 78 -9.99 -2.39 -17.88
N GLU A 79 -10.42 -3.20 -18.87
CA GLU A 79 -11.73 -3.25 -19.51
C GLU A 79 -12.41 -4.52 -19.02
N PHE A 80 -13.70 -4.45 -18.71
CA PHE A 80 -14.44 -5.60 -18.21
C PHE A 80 -15.78 -5.76 -18.88
N SER A 81 -16.21 -7.00 -19.09
CA SER A 81 -17.52 -7.31 -19.65
C SER A 81 -18.01 -8.58 -19.01
N VAL A 82 -19.33 -8.81 -19.07
CA VAL A 82 -19.98 -10.02 -18.55
C VAL A 82 -20.87 -10.54 -19.67
N MET A 83 -21.16 -11.85 -19.63
CA MET A 83 -22.09 -12.51 -20.54
C MET A 83 -22.76 -13.64 -19.78
N VAL A 84 -24.02 -13.96 -20.16
CA VAL A 84 -24.78 -15.03 -19.54
C VAL A 84 -24.92 -16.25 -20.44
N THR A 85 -24.62 -17.43 -19.89
CA THR A 85 -24.62 -18.74 -20.57
C THR A 85 -25.59 -19.67 -19.84
N LYS A 86 -26.67 -20.08 -20.50
CA LYS A 86 -27.64 -21.02 -19.92
C LYS A 86 -27.94 -22.11 -20.97
N GLY A 87 -27.42 -23.32 -20.72
CA GLY A 87 -27.54 -24.48 -21.61
C GLY A 87 -26.93 -24.21 -22.97
N ARG A 88 -27.73 -24.41 -24.01
CA ARG A 88 -27.39 -24.21 -25.42
C ARG A 88 -27.57 -22.74 -25.88
N ARG A 89 -27.94 -21.82 -24.94
CA ARG A 89 -28.24 -20.39 -25.17
C ARG A 89 -27.16 -19.51 -24.55
N SER A 90 -26.95 -18.31 -25.14
CA SER A 90 -25.95 -17.36 -24.66
C SER A 90 -26.32 -15.91 -24.98
N SER A 91 -25.83 -15.00 -24.13
CA SER A 91 -26.01 -13.57 -24.30
C SER A 91 -24.74 -12.97 -24.92
N THR A 92 -24.89 -11.86 -25.65
CA THR A 92 -23.70 -11.23 -26.23
C THR A 92 -22.98 -10.59 -25.07
N TRP A 93 -21.83 -9.99 -25.31
CA TRP A 93 -21.11 -9.34 -24.21
C TRP A 93 -21.84 -8.07 -23.76
N SER A 94 -21.85 -7.87 -22.43
CA SER A 94 -22.48 -6.72 -21.79
C SER A 94 -21.74 -5.40 -22.12
N MET A 95 -22.26 -4.29 -21.54
CA MET A 95 -21.64 -2.98 -21.66
C MET A 95 -20.25 -3.10 -20.96
N THR A 96 -19.23 -2.39 -21.48
CA THR A 96 -17.87 -2.47 -20.92
C THR A 96 -17.65 -1.53 -19.74
N ALA A 97 -17.11 -2.06 -18.64
CA ALA A 97 -16.83 -1.28 -17.43
C ALA A 97 -15.31 -1.11 -17.26
N HIS A 98 -14.87 0.06 -16.77
CA HIS A 98 -13.43 0.29 -16.62
C HIS A 98 -12.95 0.48 -15.21
N GLY A 99 -11.75 -0.02 -14.95
CA GLY A 99 -11.13 0.10 -13.64
C GLY A 99 -9.62 0.09 -13.68
N ALA A 100 -9.01 1.06 -12.99
CA ALA A 100 -7.56 1.16 -12.85
C ALA A 100 -7.16 0.82 -11.40
N THR A 101 -6.35 -0.24 -11.28
CA THR A 101 -5.86 -0.76 -10.01
C THR A 101 -5.07 0.27 -9.23
N PHE A 102 -5.04 0.11 -7.88
CA PHE A 102 -4.26 1.03 -7.04
C PHE A 102 -2.74 0.94 -7.29
N GLU A 103 -1.97 1.94 -6.80
CA GLU A 103 -0.51 1.97 -6.93
C GLU A 103 0.12 0.95 -6.00
N LEU A 104 1.39 0.67 -6.20
CA LEU A 104 2.14 -0.28 -5.36
C LEU A 104 3.56 0.19 -5.21
N VAL A 105 4.17 -0.10 -4.06
CA VAL A 105 5.57 0.25 -3.79
C VAL A 105 6.40 -0.15 -5.05
N PRO A 106 7.37 0.67 -5.51
CA PRO A 106 8.17 0.24 -6.66
C PRO A 106 8.85 -1.10 -6.33
N THR A 107 9.02 -1.95 -7.34
CA THR A 107 9.57 -3.28 -7.09
C THR A 107 10.77 -3.52 -7.98
N SER A 108 11.35 -2.42 -8.45
CA SER A 108 12.55 -2.44 -9.27
C SER A 108 13.43 -1.29 -8.76
N PRO A 109 14.77 -1.46 -8.73
CA PRO A 109 15.61 -0.35 -8.26
C PRO A 109 15.83 0.71 -9.36
N PRO A 110 16.27 1.95 -9.02
CA PRO A 110 16.57 2.92 -10.10
C PRO A 110 17.69 2.31 -10.92
N LYS A 111 17.64 2.51 -12.23
CA LYS A 111 18.64 1.88 -13.09
C LYS A 111 19.69 2.83 -13.63
N ASP A 112 20.66 2.28 -14.37
CA ASP A 112 21.73 3.02 -15.03
C ASP A 112 22.39 4.12 -14.16
N VAL A 113 22.81 3.72 -12.95
CA VAL A 113 23.42 4.61 -11.97
C VAL A 113 24.88 4.92 -12.35
N THR A 114 25.25 6.22 -12.37
CA THR A 114 26.61 6.68 -12.69
C THR A 114 27.08 7.78 -11.74
N VAL A 115 28.36 7.75 -11.39
CA VAL A 115 28.98 8.77 -10.54
C VAL A 115 30.23 9.36 -11.23
N VAL A 116 30.24 10.69 -11.37
CA VAL A 116 31.32 11.45 -12.01
C VAL A 116 31.73 12.64 -11.13
N SER A 117 33.02 12.99 -11.14
CA SER A 117 33.53 14.12 -10.37
C SER A 117 33.10 15.44 -11.01
N LYS A 118 32.80 16.47 -10.19
CA LYS A 118 32.45 17.81 -10.65
C LYS A 118 33.70 18.51 -11.22
N GLU A 119 33.57 19.08 -12.46
CA GLU A 119 34.65 19.78 -13.13
C GLU A 119 35.11 20.90 -12.22
N GLY A 120 36.36 20.78 -11.79
CA GLY A 120 36.98 21.70 -10.85
C GLY A 120 37.02 21.09 -9.48
N LYS A 121 35.90 21.20 -8.73
CA LYS A 121 35.72 20.68 -7.36
C LYS A 121 35.76 19.12 -7.26
N PRO A 122 36.91 18.52 -6.83
CA PRO A 122 36.99 17.05 -6.75
C PRO A 122 36.34 16.42 -5.52
N ARG A 123 36.10 17.21 -4.44
CA ARG A 123 35.43 16.77 -3.22
C ARG A 123 33.90 16.73 -3.46
N THR A 124 33.50 17.03 -4.71
CA THR A 124 32.13 17.05 -5.19
C THR A 124 31.93 16.10 -6.37
N ILE A 125 30.82 15.34 -6.33
CA ILE A 125 30.43 14.34 -7.33
C ILE A 125 28.98 14.47 -7.77
N ILE A 126 28.74 14.15 -9.04
CA ILE A 126 27.40 14.19 -9.60
C ILE A 126 26.93 12.78 -9.84
N VAL A 127 25.82 12.41 -9.17
CA VAL A 127 25.18 11.12 -9.29
C VAL A 127 24.07 11.30 -10.31
N ASN A 128 24.00 10.37 -11.27
CA ASN A 128 23.00 10.36 -12.32
C ASN A 128 22.43 8.97 -12.34
N TRP A 129 21.10 8.86 -12.54
CA TRP A 129 20.38 7.59 -12.62
C TRP A 129 19.16 7.73 -13.54
N GLN A 130 18.32 6.68 -13.59
CA GLN A 130 17.13 6.59 -14.42
C GLN A 130 16.03 5.99 -13.58
N PRO A 131 14.74 6.23 -13.93
CA PRO A 131 13.65 5.68 -13.11
C PRO A 131 13.58 4.16 -13.14
N PRO A 132 13.08 3.54 -12.08
CA PRO A 132 12.93 2.07 -12.08
C PRO A 132 11.88 1.55 -13.05
N SER A 133 12.12 0.33 -13.59
CA SER A 133 11.22 -0.35 -14.54
C SER A 133 9.91 -0.61 -13.87
N GLU A 134 9.89 -1.50 -12.86
CA GLU A 134 8.71 -1.80 -12.06
C GLU A 134 8.49 -0.67 -11.04
N ALA A 135 8.00 0.49 -11.52
CA ALA A 135 7.76 1.64 -10.66
C ALA A 135 6.39 1.62 -10.00
N ASN A 136 5.43 0.79 -10.51
CA ASN A 136 4.04 0.56 -10.03
C ASN A 136 3.21 1.81 -9.55
N GLY A 137 3.65 2.98 -10.01
CA GLY A 137 3.06 4.28 -9.71
C GLY A 137 3.92 5.48 -10.02
N LYS A 138 3.39 6.69 -9.77
CA LYS A 138 4.06 7.96 -10.02
C LYS A 138 5.23 8.19 -9.06
N ILE A 139 6.46 8.38 -9.59
CA ILE A 139 7.63 8.58 -8.73
C ILE A 139 7.65 9.94 -8.04
N THR A 140 7.60 9.93 -6.72
CA THR A 140 7.57 11.13 -5.92
C THR A 140 8.98 11.60 -5.54
N GLY A 141 9.96 10.72 -5.61
CA GLY A 141 11.34 11.06 -5.26
C GLY A 141 12.28 9.87 -5.14
N TYR A 142 13.55 10.15 -4.76
CA TYR A 142 14.59 9.13 -4.60
C TYR A 142 15.35 9.31 -3.33
N ILE A 143 16.11 8.27 -2.87
CA ILE A 143 17.03 8.34 -1.71
C ILE A 143 18.37 7.73 -2.12
N ILE A 144 19.44 8.52 -1.96
CA ILE A 144 20.81 8.10 -2.25
C ILE A 144 21.50 7.75 -0.93
N TYR A 145 22.15 6.59 -0.89
CA TYR A 145 22.90 6.17 0.29
C TYR A 145 24.35 6.05 -0.16
N TYR A 146 25.31 6.38 0.72
CA TYR A 146 26.73 6.25 0.38
C TYR A 146 27.63 5.90 1.55
N SER A 147 28.75 5.22 1.28
CA SER A 147 29.70 4.79 2.31
C SER A 147 31.13 4.60 1.77
N THR A 148 32.12 4.56 2.70
CA THR A 148 33.49 4.27 2.34
C THR A 148 33.74 2.77 2.58
N ASP A 149 32.70 2.06 3.09
CA ASP A 149 32.67 0.62 3.33
C ASP A 149 31.41 0.03 2.72
N VAL A 150 31.61 -0.73 1.64
CA VAL A 150 30.55 -1.39 0.90
C VAL A 150 29.84 -2.42 1.77
N ASN A 151 30.56 -2.98 2.74
CA ASN A 151 29.99 -3.99 3.61
C ASN A 151 29.17 -3.45 4.77
N ALA A 152 29.36 -2.16 5.13
CA ALA A 152 28.62 -1.53 6.22
C ALA A 152 27.10 -1.71 6.09
N GLU A 153 26.38 -1.79 7.23
CA GLU A 153 24.92 -1.91 7.28
C GLU A 153 24.29 -0.59 6.76
N ILE A 154 23.17 -0.68 5.99
CA ILE A 154 22.48 0.46 5.41
C ILE A 154 22.26 1.69 6.35
N HIS A 155 22.13 1.43 7.65
CA HIS A 155 21.95 2.45 8.68
C HIS A 155 23.24 3.23 8.92
N ASP A 156 24.39 2.60 8.67
CA ASP A 156 25.69 3.24 8.85
C ASP A 156 26.04 4.14 7.65
N TRP A 157 25.38 3.92 6.50
CA TRP A 157 25.60 4.70 5.27
C TRP A 157 25.06 6.14 5.41
N VAL A 158 25.64 7.09 4.66
CA VAL A 158 25.23 8.50 4.67
C VAL A 158 23.97 8.70 3.81
N ILE A 159 22.87 9.21 4.41
CA ILE A 159 21.58 9.43 3.74
C ILE A 159 21.53 10.75 3.00
N GLU A 160 21.20 10.67 1.70
CA GLU A 160 21.09 11.84 0.84
C GLU A 160 19.74 11.83 0.12
N PRO A 161 18.71 12.39 0.77
CA PRO A 161 17.40 12.48 0.12
C PRO A 161 17.49 13.37 -1.09
N VAL A 162 16.75 13.02 -2.13
CA VAL A 162 16.66 13.70 -3.42
C VAL A 162 15.17 13.97 -3.54
N VAL A 163 14.75 15.21 -3.22
CA VAL A 163 13.32 15.56 -3.27
C VAL A 163 12.77 15.80 -4.68
N GLY A 164 11.79 15.01 -5.05
CA GLY A 164 11.13 15.06 -6.34
C GLY A 164 11.75 14.08 -7.30
N ASN A 165 11.07 13.82 -8.43
CA ASN A 165 11.57 12.91 -9.46
C ASN A 165 12.62 13.55 -10.41
N ARG A 166 13.76 13.97 -9.81
CA ARG A 166 14.94 14.50 -10.51
C ARG A 166 15.77 13.25 -10.83
N LEU A 167 16.60 13.29 -11.88
CA LEU A 167 17.44 12.12 -12.16
C LEU A 167 18.94 12.35 -11.91
N THR A 168 19.25 13.50 -11.27
CA THR A 168 20.59 13.99 -10.95
C THR A 168 20.63 14.58 -9.54
N HIS A 169 21.78 14.42 -8.87
CA HIS A 169 22.02 14.95 -7.54
C HIS A 169 23.50 15.18 -7.29
N GLN A 170 23.80 16.24 -6.54
CA GLN A 170 25.16 16.60 -6.23
C GLN A 170 25.45 16.33 -4.75
N ILE A 171 26.59 15.70 -4.49
CA ILE A 171 27.08 15.45 -3.13
C ILE A 171 28.43 16.17 -2.95
N GLN A 172 28.51 17.09 -1.95
CA GLN A 172 29.69 17.90 -1.63
C GLN A 172 30.37 17.46 -0.32
N GLU A 173 31.61 17.98 -0.07
CA GLU A 173 32.43 17.74 1.14
C GLU A 173 32.79 16.26 1.39
N LEU A 174 33.42 15.61 0.40
CA LEU A 174 33.85 14.22 0.53
C LEU A 174 35.37 14.09 0.58
N THR A 175 35.88 13.01 1.20
CA THR A 175 37.33 12.73 1.33
C THR A 175 37.95 12.39 -0.06
N LEU A 176 39.08 13.03 -0.37
CA LEU A 176 39.81 12.86 -1.64
C LEU A 176 40.56 11.53 -1.74
N ASP A 177 40.72 10.98 -2.98
CA ASP A 177 41.40 9.70 -3.24
C ASP A 177 40.90 8.63 -2.28
N THR A 178 39.58 8.40 -2.34
CA THR A 178 38.90 7.49 -1.44
C THR A 178 37.82 6.72 -2.20
N PRO A 179 37.75 5.38 -2.06
CA PRO A 179 36.66 4.63 -2.69
C PRO A 179 35.36 4.91 -1.94
N TYR A 180 34.33 5.27 -2.71
CA TYR A 180 33.01 5.60 -2.23
C TYR A 180 32.00 4.76 -2.97
N TYR A 181 31.01 4.22 -2.26
CA TYR A 181 29.96 3.33 -2.81
C TYR A 181 28.56 3.98 -2.79
N PHE A 182 27.79 3.80 -3.88
CA PHE A 182 26.49 4.45 -4.04
C PHE A 182 25.31 3.56 -4.42
N LYS A 183 24.27 3.64 -3.60
CA LYS A 183 23.03 2.92 -3.79
C LYS A 183 21.93 3.96 -3.94
N ILE A 184 20.90 3.67 -4.76
CA ILE A 184 19.74 4.56 -4.89
C ILE A 184 18.47 3.73 -4.78
N GLN A 185 17.41 4.30 -4.16
CA GLN A 185 16.09 3.70 -4.08
C GLN A 185 15.04 4.73 -4.47
N ALA A 186 13.95 4.28 -5.09
CA ALA A 186 12.86 5.12 -5.57
C ALA A 186 11.71 5.25 -4.58
N ARG A 187 10.87 6.29 -4.78
CA ARG A 187 9.73 6.49 -3.90
C ARG A 187 8.49 6.85 -4.66
N ASN A 188 7.38 6.21 -4.27
CA ASN A 188 6.05 6.53 -4.74
C ASN A 188 5.16 6.54 -3.51
N SER A 189 3.88 6.97 -3.71
CA SER A 189 2.85 7.09 -2.70
C SER A 189 2.77 5.92 -1.72
N LYS A 190 3.11 4.70 -2.18
CA LYS A 190 3.01 3.49 -1.34
C LYS A 190 4.30 3.12 -0.57
N GLY A 191 5.36 3.90 -0.76
CA GLY A 191 6.60 3.65 -0.03
C GLY A 191 7.85 3.54 -0.86
N MET A 192 8.94 3.15 -0.20
CA MET A 192 10.25 3.01 -0.83
C MET A 192 10.45 1.67 -1.49
N GLY A 193 10.87 1.70 -2.75
CA GLY A 193 11.18 0.49 -3.51
C GLY A 193 12.59 0.01 -3.26
N PRO A 194 13.06 -1.07 -3.93
CA PRO A 194 14.43 -1.58 -3.69
C PRO A 194 15.55 -0.63 -4.04
N MET A 195 16.76 -0.98 -3.60
CA MET A 195 17.95 -0.19 -3.85
C MET A 195 18.73 -0.78 -4.98
N SER A 196 19.49 0.06 -5.67
CA SER A 196 20.33 -0.35 -6.79
C SER A 196 21.53 -1.12 -6.24
N GLU A 197 22.21 -1.91 -7.08
CA GLU A 197 23.45 -2.54 -6.61
C GLU A 197 24.46 -1.38 -6.40
N ALA A 198 25.34 -1.54 -5.40
CA ALA A 198 26.31 -0.49 -5.10
C ALA A 198 27.23 -0.27 -6.28
N VAL A 199 27.41 1.02 -6.61
CA VAL A 199 28.28 1.54 -7.69
C VAL A 199 29.50 2.13 -6.99
N GLN A 200 30.70 1.74 -7.43
CA GLN A 200 31.94 2.23 -6.83
C GLN A 200 32.51 3.46 -7.57
N PHE A 201 32.95 4.48 -6.83
CA PHE A 201 33.60 5.67 -7.39
C PHE A 201 34.71 6.21 -6.51
N ARG A 202 35.96 6.15 -7.02
CA ARG A 202 37.11 6.69 -6.28
C ARG A 202 37.38 8.16 -6.67
N THR A 203 37.41 9.02 -5.65
CA THR A 203 37.66 10.44 -5.83
C THR A 203 39.11 10.72 -6.30
N PRO A 204 39.40 11.84 -6.98
CA PRO A 204 40.78 12.10 -7.41
C PRO A 204 41.63 12.68 -6.28
N PRO B 8 23.37 27.24 21.76
CA PRO B 8 22.61 26.06 21.33
C PRO B 8 22.33 26.08 19.82
N PRO B 9 22.20 24.90 19.18
CA PRO B 9 21.94 24.88 17.72
C PRO B 9 20.72 25.66 17.22
N VAL B 10 20.84 26.18 16.00
CA VAL B 10 19.83 26.98 15.32
C VAL B 10 19.46 26.29 13.99
N GLY B 11 18.31 26.65 13.41
CA GLY B 11 17.82 26.08 12.15
C GLY B 11 17.48 24.60 12.16
N VAL B 12 16.87 24.14 13.26
CA VAL B 12 16.50 22.75 13.44
C VAL B 12 15.32 22.42 12.51
N GLN B 13 15.51 21.41 11.68
CA GLN B 13 14.51 21.01 10.71
C GLN B 13 14.33 19.49 10.63
N ALA B 14 13.05 19.07 10.55
CA ALA B 14 12.59 17.69 10.45
C ALA B 14 12.17 17.43 9.00
N SER B 15 12.58 16.27 8.46
CA SER B 15 12.21 15.85 7.11
C SER B 15 11.70 14.41 7.17
N ILE B 16 10.41 14.22 6.81
CA ILE B 16 9.76 12.91 6.86
C ILE B 16 10.19 11.98 5.73
N LEU B 17 10.79 10.85 6.14
CA LEU B 17 11.30 9.84 5.22
C LEU B 17 10.44 8.63 5.11
N SER B 18 10.00 8.07 6.23
CA SER B 18 9.13 6.87 6.17
C SER B 18 8.11 6.89 7.27
N HIS B 19 7.53 5.73 7.54
CA HIS B 19 6.58 5.58 8.64
C HIS B 19 7.31 5.53 10.00
N ASP B 20 8.62 5.20 10.00
CA ASP B 20 9.48 5.06 11.19
C ASP B 20 10.73 5.95 11.15
N THR B 21 10.93 6.71 10.06
CA THR B 21 12.09 7.59 9.93
C THR B 21 11.77 9.07 9.64
N ILE B 22 12.41 9.96 10.42
CA ILE B 22 12.38 11.42 10.30
C ILE B 22 13.85 11.90 10.37
N ARG B 23 14.30 12.67 9.36
CA ARG B 23 15.68 13.18 9.34
C ARG B 23 15.80 14.59 9.91
N ILE B 24 16.66 14.73 10.91
CA ILE B 24 16.89 16.00 11.57
C ILE B 24 18.18 16.68 11.14
N THR B 25 18.05 17.94 10.72
CA THR B 25 19.17 18.80 10.31
C THR B 25 19.18 20.06 11.17
N TRP B 26 20.36 20.67 11.35
CA TRP B 26 20.52 21.92 12.11
C TRP B 26 21.75 22.73 11.65
N ARG B 41 34.14 18.13 19.96
CA ARG B 41 32.72 18.37 20.20
C ARG B 41 31.82 17.34 19.53
N TYR B 42 30.57 17.20 20.06
CA TYR B 42 29.50 16.29 19.58
C TYR B 42 28.11 16.82 19.92
N TYR B 43 27.11 16.43 19.10
CA TYR B 43 25.72 16.82 19.30
C TYR B 43 24.91 15.69 19.86
N THR B 44 23.98 16.06 20.74
CA THR B 44 23.04 15.11 21.31
C THR B 44 21.62 15.51 20.85
N VAL B 45 20.93 14.60 20.13
CA VAL B 45 19.58 14.83 19.64
C VAL B 45 18.59 14.16 20.60
N ARG B 46 17.54 14.90 20.99
CA ARG B 46 16.50 14.34 21.84
C ARG B 46 15.14 14.40 21.12
N TRP B 47 14.30 13.38 21.35
CA TRP B 47 12.97 13.33 20.75
C TRP B 47 11.98 12.60 21.62
N LYS B 48 10.69 13.01 21.56
CA LYS B 48 9.59 12.39 22.29
C LYS B 48 8.26 12.60 21.56
N THR B 49 7.32 11.69 21.78
CA THR B 49 5.99 11.79 21.19
C THR B 49 5.26 12.97 21.80
N ASN B 50 4.69 13.83 20.95
CA ASN B 50 3.92 15.02 21.31
C ASN B 50 2.83 14.72 22.36
N ILE B 51 2.08 13.60 22.18
CA ILE B 51 1.02 13.10 23.09
C ILE B 51 1.24 11.62 23.54
N PRO B 52 1.10 11.25 24.85
CA PRO B 52 0.73 12.08 26.02
C PRO B 52 1.73 13.20 26.31
N ALA B 53 1.30 14.20 27.11
CA ALA B 53 2.10 15.37 27.49
C ALA B 53 3.39 14.97 28.19
N ASN B 54 3.30 14.10 29.22
CA ASN B 54 4.47 13.63 29.93
C ASN B 54 4.94 12.29 29.35
N THR B 55 6.10 12.32 28.69
CA THR B 55 6.77 11.17 28.09
C THR B 55 8.27 11.37 28.31
N LYS B 56 9.01 10.25 28.43
CA LYS B 56 10.46 10.29 28.60
C LYS B 56 11.10 10.44 27.21
N TYR B 57 12.14 11.28 27.12
CA TYR B 57 12.87 11.58 25.89
C TYR B 57 13.86 10.47 25.56
N LYS B 58 14.05 10.20 24.25
CA LYS B 58 15.07 9.28 23.77
C LYS B 58 16.22 10.14 23.27
N ASN B 59 17.46 9.64 23.34
CA ASN B 59 18.64 10.45 22.98
C ASN B 59 19.53 9.75 21.98
N ALA B 60 20.43 10.52 21.34
CA ALA B 60 21.38 10.00 20.36
C ALA B 60 22.53 10.96 20.13
N ASN B 61 23.72 10.42 19.88
CA ASN B 61 24.90 11.24 19.61
C ASN B 61 25.15 11.35 18.12
N ALA B 62 25.65 12.50 17.64
CA ALA B 62 25.99 12.75 16.23
C ALA B 62 27.11 13.77 16.10
N THR B 63 28.12 13.47 15.28
CA THR B 63 29.24 14.39 15.04
C THR B 63 28.91 15.36 13.92
N THR B 64 27.99 14.96 13.00
CA THR B 64 27.57 15.78 11.86
C THR B 64 26.39 16.71 12.20
N LEU B 65 26.06 17.66 11.30
CA LEU B 65 24.93 18.58 11.51
C LEU B 65 23.66 17.99 10.87
N SER B 66 23.46 16.69 11.16
CA SER B 66 22.37 15.85 10.70
C SER B 66 22.30 14.61 11.59
N TYR B 67 21.07 14.10 11.80
CA TYR B 67 20.77 12.87 12.55
C TYR B 67 19.47 12.23 12.07
N LEU B 68 19.54 10.96 11.76
CA LEU B 68 18.39 10.21 11.28
C LEU B 68 17.73 9.43 12.42
N VAL B 69 16.56 9.91 12.87
CA VAL B 69 15.81 9.25 13.94
C VAL B 69 15.08 8.06 13.35
N THR B 70 15.44 6.85 13.83
CA THR B 70 14.88 5.58 13.38
C THR B 70 13.91 4.94 14.38
N GLY B 71 13.30 3.83 13.96
CA GLY B 71 12.36 3.06 14.76
C GLY B 71 11.26 3.86 15.41
N LEU B 72 10.52 4.64 14.62
CA LEU B 72 9.41 5.45 15.11
C LEU B 72 8.08 4.79 14.84
N LYS B 73 7.02 5.24 15.56
CA LYS B 73 5.67 4.71 15.39
C LYS B 73 5.13 5.30 14.11
N PRO B 74 4.35 4.55 13.31
CA PRO B 74 3.78 5.15 12.11
C PRO B 74 2.68 6.15 12.48
N ASN B 75 2.41 7.13 11.59
CA ASN B 75 1.35 8.12 11.73
C ASN B 75 1.38 8.80 13.14
N THR B 76 2.60 9.14 13.61
CA THR B 76 2.83 9.73 14.94
C THR B 76 3.62 11.04 14.88
N LEU B 77 3.17 12.04 15.67
CA LEU B 77 3.83 13.33 15.75
C LEU B 77 4.83 13.38 16.91
N TYR B 78 6.07 13.78 16.57
CA TYR B 78 7.18 13.89 17.49
C TYR B 78 7.74 15.30 17.61
N GLU B 79 8.40 15.57 18.76
CA GLU B 79 9.10 16.79 19.17
C GLU B 79 10.60 16.50 19.11
N PHE B 80 11.40 17.42 18.58
CA PHE B 80 12.83 17.21 18.46
C PHE B 80 13.63 18.42 18.91
N SER B 81 14.79 18.18 19.51
CA SER B 81 15.71 19.23 19.94
C SER B 81 17.13 18.70 19.78
N VAL B 82 18.09 19.62 19.69
CA VAL B 82 19.52 19.31 19.59
C VAL B 82 20.23 20.12 20.67
N MET B 83 21.41 19.65 21.10
CA MET B 83 22.28 20.34 22.04
C MET B 83 23.72 20.00 21.69
N VAL B 84 24.64 20.94 21.96
CA VAL B 84 26.07 20.75 21.70
C VAL B 84 26.87 20.55 22.98
N THR B 85 27.71 19.49 22.99
CA THR B 85 28.53 19.06 24.11
C THR B 85 30.01 19.05 23.68
N TRP B 93 19.17 23.21 25.42
CA TRP B 93 18.48 22.61 24.28
C TRP B 93 18.05 23.64 23.26
N SER B 94 18.16 23.27 21.98
CA SER B 94 17.82 24.12 20.83
C SER B 94 16.32 24.37 20.73
N MET B 95 15.92 25.14 19.70
CA MET B 95 14.53 25.37 19.37
C MET B 95 13.91 24.00 19.01
N THR B 96 12.63 23.77 19.37
CA THR B 96 11.98 22.48 19.11
C THR B 96 11.37 22.37 17.71
N ALA B 97 11.69 21.27 17.00
CA ALA B 97 11.19 21.01 15.65
C ALA B 97 10.16 19.87 15.70
N HIS B 98 9.11 19.94 14.86
CA HIS B 98 8.09 18.89 14.88
C HIS B 98 7.96 18.11 13.58
N GLY B 99 7.66 16.83 13.72
CA GLY B 99 7.49 15.93 12.59
C GLY B 99 6.58 14.77 12.88
N ALA B 100 5.62 14.53 11.96
CA ALA B 100 4.71 13.40 12.02
C ALA B 100 5.07 12.38 10.91
N THR B 101 5.44 11.16 11.36
CA THR B 101 5.82 10.05 10.50
C THR B 101 4.73 9.68 9.50
N PHE B 102 5.13 9.07 8.36
CA PHE B 102 4.14 8.63 7.36
C PHE B 102 3.24 7.49 7.87
N GLU B 103 2.11 7.23 7.15
CA GLU B 103 1.17 6.15 7.52
C GLU B 103 1.80 4.78 7.16
N LEU B 104 1.20 3.72 7.66
CA LEU B 104 1.66 2.36 7.37
C LEU B 104 0.45 1.43 7.28
N VAL B 105 0.52 0.41 6.43
CA VAL B 105 -0.56 -0.59 6.31
C VAL B 105 -0.99 -1.00 7.74
N PRO B 106 -2.30 -1.17 8.04
CA PRO B 106 -2.65 -1.62 9.40
C PRO B 106 -1.95 -2.96 9.70
N THR B 107 -1.59 -3.17 10.95
CA THR B 107 -0.85 -4.38 11.29
C THR B 107 -1.56 -5.11 12.43
N SER B 108 -2.85 -4.81 12.58
CA SER B 108 -3.71 -5.45 13.56
C SER B 108 -5.03 -5.69 12.88
N PRO B 109 -5.71 -6.81 13.17
CA PRO B 109 -7.01 -7.04 12.53
C PRO B 109 -8.15 -6.24 13.23
N PRO B 110 -9.31 -6.01 12.58
CA PRO B 110 -10.41 -5.34 13.30
C PRO B 110 -10.75 -6.23 14.49
N LYS B 111 -11.06 -5.63 15.63
CA LYS B 111 -11.34 -6.40 16.83
C LYS B 111 -12.80 -6.49 17.22
N ASP B 112 -13.08 -7.27 18.29
CA ASP B 112 -14.40 -7.45 18.88
C ASP B 112 -15.51 -7.68 17.83
N VAL B 113 -15.28 -8.66 16.94
CA VAL B 113 -16.20 -9.00 15.86
C VAL B 113 -17.39 -9.81 16.40
N THR B 114 -18.62 -9.41 16.05
CA THR B 114 -19.86 -10.08 16.47
C THR B 114 -20.86 -10.19 15.33
N VAL B 115 -21.57 -11.33 15.29
CA VAL B 115 -22.62 -11.57 14.29
C VAL B 115 -23.94 -11.95 14.99
N VAL B 116 -25.01 -11.21 14.67
CA VAL B 116 -26.36 -11.40 15.22
C VAL B 116 -27.40 -11.38 14.09
N SER B 117 -28.46 -12.19 14.24
CA SER B 117 -29.55 -12.25 13.25
C SER B 117 -30.41 -10.99 13.31
N LYS B 118 -30.90 -10.52 12.14
CA LYS B 118 -31.79 -9.35 12.04
C LYS B 118 -33.18 -9.71 12.59
N GLU B 119 -33.72 -8.84 13.48
CA GLU B 119 -35.05 -9.01 14.09
C GLU B 119 -36.05 -9.15 12.95
N GLY B 120 -36.66 -10.32 12.88
CA GLY B 120 -37.60 -10.68 11.84
C GLY B 120 -36.93 -11.55 10.80
N LYS B 121 -36.23 -10.91 9.83
CA LYS B 121 -35.53 -11.56 8.73
C LYS B 121 -34.33 -12.45 9.17
N PRO B 122 -34.49 -13.80 9.21
CA PRO B 122 -33.38 -14.67 9.66
C PRO B 122 -32.31 -14.96 8.59
N ARG B 123 -32.63 -14.75 7.30
CA ARG B 123 -31.70 -14.91 6.17
C ARG B 123 -30.76 -13.68 6.09
N THR B 124 -30.93 -12.77 7.07
CA THR B 124 -30.18 -11.53 7.21
C THR B 124 -29.50 -11.46 8.59
N ILE B 125 -28.23 -11.03 8.58
CA ILE B 125 -27.36 -10.89 9.76
C ILE B 125 -26.65 -9.55 9.82
N ILE B 126 -26.43 -9.07 11.04
CA ILE B 126 -25.74 -7.82 11.28
C ILE B 126 -24.37 -8.11 11.88
N VAL B 127 -23.32 -7.71 11.15
CA VAL B 127 -21.94 -7.86 11.57
C VAL B 127 -21.56 -6.54 12.22
N ASN B 128 -20.94 -6.63 13.40
CA ASN B 128 -20.46 -5.48 14.16
C ASN B 128 -19.03 -5.78 14.54
N TRP B 129 -18.18 -4.76 14.48
CA TRP B 129 -16.76 -4.85 14.84
C TRP B 129 -16.26 -3.51 15.39
N GLN B 130 -14.95 -3.42 15.62
CA GLN B 130 -14.27 -2.26 16.17
C GLN B 130 -13.00 -2.02 15.36
N PRO B 131 -12.45 -0.79 15.33
CA PRO B 131 -11.23 -0.56 14.54
C PRO B 131 -10.04 -1.31 15.09
N PRO B 132 -9.06 -1.63 14.21
CA PRO B 132 -7.85 -2.32 14.68
C PRO B 132 -6.96 -1.45 15.58
N SER B 133 -6.24 -2.08 16.52
CA SER B 133 -5.34 -1.41 17.45
C SER B 133 -4.23 -0.78 16.68
N GLU B 134 -3.39 -1.60 16.05
CA GLU B 134 -2.29 -1.15 15.20
C GLU B 134 -2.87 -0.75 13.81
N ALA B 135 -3.57 0.40 13.75
CA ALA B 135 -4.18 0.88 12.53
C ALA B 135 -3.23 1.67 11.65
N ASN B 136 -2.12 2.17 12.24
CA ASN B 136 -1.04 2.97 11.62
C ASN B 136 -1.43 4.09 10.59
N GLY B 137 -2.68 4.53 10.67
CA GLY B 137 -3.26 5.55 9.82
C GLY B 137 -4.76 5.61 9.83
N LYS B 138 -5.33 6.58 9.09
CA LYS B 138 -6.76 6.87 9.03
C LYS B 138 -7.49 5.75 8.28
N ILE B 139 -8.46 5.08 8.95
CA ILE B 139 -9.16 3.95 8.32
C ILE B 139 -10.10 4.40 7.23
N THR B 140 -9.83 3.97 6.01
CA THR B 140 -10.61 4.33 4.84
C THR B 140 -11.78 3.38 4.59
N GLY B 141 -11.71 2.17 5.16
CA GLY B 141 -12.76 1.18 5.00
C GLY B 141 -12.40 -0.21 5.51
N TYR B 142 -13.35 -1.15 5.33
CA TYR B 142 -13.18 -2.56 5.75
C TYR B 142 -13.62 -3.52 4.68
N ILE B 143 -13.20 -4.80 4.77
CA ILE B 143 -13.64 -5.87 3.87
C ILE B 143 -14.05 -7.09 4.71
N ILE B 144 -15.30 -7.54 4.53
CA ILE B 144 -15.87 -8.70 5.20
C ILE B 144 -15.83 -9.88 4.26
N TYR B 145 -15.33 -11.01 4.75
CA TYR B 145 -15.28 -12.24 3.96
C TYR B 145 -16.15 -13.24 4.70
N TYR B 146 -16.86 -14.12 3.96
CA TYR B 146 -17.67 -15.15 4.62
C TYR B 146 -17.78 -16.45 3.84
N SER B 147 -17.97 -17.58 4.55
CA SER B 147 -18.07 -18.91 3.94
C SER B 147 -18.87 -19.90 4.80
N THR B 148 -19.30 -21.01 4.18
CA THR B 148 -19.96 -22.10 4.88
C THR B 148 -18.90 -23.18 5.20
N ASP B 149 -17.65 -22.95 4.75
CA ASP B 149 -16.46 -23.77 5.01
C ASP B 149 -15.32 -22.88 5.51
N VAL B 150 -15.01 -23.03 6.80
CA VAL B 150 -13.95 -22.28 7.48
C VAL B 150 -12.58 -22.62 6.89
N ASN B 151 -12.44 -23.82 6.34
CA ASN B 151 -11.17 -24.22 5.76
C ASN B 151 -10.93 -23.75 4.34
N ALA B 152 -12.00 -23.34 3.61
CA ALA B 152 -11.89 -22.84 2.25
C ALA B 152 -10.83 -21.71 2.11
N GLU B 153 -10.18 -21.63 0.94
CA GLU B 153 -9.19 -20.59 0.63
C GLU B 153 -9.92 -19.21 0.54
N ILE B 154 -9.28 -18.14 1.02
CA ILE B 154 -9.84 -16.78 1.03
C ILE B 154 -10.53 -16.32 -0.28
N HIS B 155 -10.06 -16.84 -1.43
CA HIS B 155 -10.61 -16.54 -2.74
C HIS B 155 -11.95 -17.19 -2.95
N ASP B 156 -12.21 -18.32 -2.27
CA ASP B 156 -13.47 -19.05 -2.37
C ASP B 156 -14.55 -18.41 -1.50
N TRP B 157 -14.15 -17.59 -0.50
CA TRP B 157 -15.07 -16.90 0.40
C TRP B 157 -15.83 -15.78 -0.32
N VAL B 158 -17.04 -15.44 0.17
CA VAL B 158 -17.89 -14.38 -0.39
C VAL B 158 -17.38 -13.00 0.09
N ILE B 159 -17.00 -12.11 -0.85
CA ILE B 159 -16.50 -10.78 -0.57
C ILE B 159 -17.60 -9.76 -0.35
N GLU B 160 -17.52 -9.08 0.79
CA GLU B 160 -18.48 -8.05 1.17
C GLU B 160 -17.75 -6.77 1.56
N PRO B 161 -17.45 -5.93 0.56
CA PRO B 161 -16.80 -4.65 0.87
C PRO B 161 -17.75 -3.78 1.69
N VAL B 162 -17.18 -3.03 2.61
CA VAL B 162 -17.84 -2.12 3.53
C VAL B 162 -17.15 -0.80 3.23
N VAL B 163 -17.79 0.06 2.42
CA VAL B 163 -17.16 1.34 2.04
C VAL B 163 -17.25 2.41 3.13
N GLY B 164 -16.07 2.87 3.56
CA GLY B 164 -15.92 3.86 4.60
C GLY B 164 -15.68 3.21 5.93
N ASN B 165 -15.26 3.99 6.92
CA ASN B 165 -15.01 3.50 8.27
C ASN B 165 -16.30 3.40 9.12
N ARG B 166 -17.25 2.53 8.69
CA ARG B 166 -18.48 2.20 9.40
C ARG B 166 -18.07 1.03 10.31
N LEU B 167 -18.77 0.79 11.42
CA LEU B 167 -18.41 -0.36 12.27
C LEU B 167 -19.47 -1.47 12.28
N THR B 168 -20.46 -1.33 11.37
CA THR B 168 -21.60 -2.21 11.19
C THR B 168 -21.88 -2.45 9.69
N HIS B 169 -22.38 -3.66 9.36
CA HIS B 169 -22.72 -4.05 8.01
C HIS B 169 -23.77 -5.15 8.02
N GLN B 170 -24.65 -5.10 7.03
CA GLN B 170 -25.73 -6.06 6.89
C GLN B 170 -25.48 -6.95 5.69
N ILE B 171 -25.65 -8.27 5.90
CA ILE B 171 -25.55 -9.27 4.84
C ILE B 171 -26.91 -9.99 4.71
N GLN B 172 -27.51 -9.93 3.50
CA GLN B 172 -28.82 -10.51 3.16
C GLN B 172 -28.69 -11.75 2.24
N GLU B 173 -29.80 -12.51 2.06
CA GLU B 173 -29.91 -13.69 1.19
C GLU B 173 -28.96 -14.85 1.56
N LEU B 174 -29.03 -15.31 2.82
CA LEU B 174 -28.20 -16.43 3.28
C LEU B 174 -29.03 -17.68 3.57
N THR B 175 -28.40 -18.87 3.48
CA THR B 175 -29.03 -20.18 3.75
C THR B 175 -29.37 -20.33 5.26
N LEU B 176 -30.60 -20.75 5.57
CA LEU B 176 -31.10 -20.93 6.95
C LEU B 176 -30.54 -22.18 7.63
N ASP B 177 -30.39 -22.14 8.98
CA ASP B 177 -29.85 -23.24 9.80
C ASP B 177 -28.57 -23.77 9.17
N THR B 178 -27.59 -22.87 9.03
CA THR B 178 -26.32 -23.15 8.38
C THR B 178 -25.18 -22.46 9.11
N PRO B 179 -24.06 -23.17 9.41
CA PRO B 179 -22.92 -22.49 10.03
C PRO B 179 -22.23 -21.62 8.98
N TYR B 180 -22.01 -20.36 9.35
CA TYR B 180 -21.39 -19.35 8.52
C TYR B 180 -20.23 -18.76 9.29
N TYR B 181 -19.09 -18.54 8.60
CA TYR B 181 -17.86 -18.00 9.18
C TYR B 181 -17.50 -16.60 8.66
N PHE B 182 -17.04 -15.71 9.57
CA PHE B 182 -16.77 -14.31 9.24
C PHE B 182 -15.41 -13.75 9.64
N LYS B 183 -14.71 -13.22 8.65
CA LYS B 183 -13.41 -12.57 8.82
C LYS B 183 -13.56 -11.12 8.37
N ILE B 184 -12.83 -10.19 9.02
CA ILE B 184 -12.83 -8.79 8.61
C ILE B 184 -11.39 -8.28 8.54
N GLN B 185 -11.09 -7.42 7.55
CA GLN B 185 -9.80 -6.75 7.41
C GLN B 185 -10.01 -5.27 7.20
N ALA B 186 -9.08 -4.45 7.70
CA ALA B 186 -9.14 -3.00 7.63
C ALA B 186 -8.36 -2.40 6.44
N ARG B 187 -8.69 -1.15 6.10
CA ARG B 187 -7.99 -0.49 5.03
C ARG B 187 -7.63 0.94 5.36
N ASN B 188 -6.40 1.32 5.02
CA ASN B 188 -5.91 2.68 5.07
C ASN B 188 -5.16 2.95 3.76
N SER B 189 -4.77 4.21 3.56
CA SER B 189 -4.06 4.71 2.39
C SER B 189 -2.91 3.81 1.90
N LYS B 190 -2.25 3.07 2.80
CA LYS B 190 -1.12 2.23 2.45
C LYS B 190 -1.49 0.76 2.10
N GLY B 191 -2.76 0.39 2.21
CA GLY B 191 -3.21 -0.94 1.85
C GLY B 191 -4.05 -1.67 2.88
N MET B 192 -4.31 -2.97 2.62
CA MET B 192 -5.11 -3.84 3.49
C MET B 192 -4.31 -4.46 4.58
N GLY B 193 -4.79 -4.32 5.81
CA GLY B 193 -4.16 -4.91 6.99
C GLY B 193 -4.63 -6.35 7.19
N PRO B 194 -4.20 -7.03 8.29
CA PRO B 194 -4.61 -8.43 8.51
C PRO B 194 -6.10 -8.65 8.73
N MET B 195 -6.51 -9.93 8.69
CA MET B 195 -7.90 -10.33 8.88
C MET B 195 -8.08 -10.84 10.26
N SER B 196 -9.32 -10.72 10.77
CA SER B 196 -9.67 -11.19 12.11
C SER B 196 -9.70 -12.72 12.09
N GLU B 197 -9.62 -13.37 13.25
CA GLU B 197 -9.84 -14.81 13.30
C GLU B 197 -11.33 -15.05 12.90
N ALA B 198 -11.60 -16.16 12.22
CA ALA B 198 -12.96 -16.43 11.82
C ALA B 198 -13.88 -16.60 13.02
N VAL B 199 -15.04 -15.92 12.95
CA VAL B 199 -16.12 -15.92 13.93
C VAL B 199 -17.25 -16.77 13.35
N GLN B 200 -17.75 -17.74 14.11
CA GLN B 200 -18.80 -18.65 13.66
C GLN B 200 -20.19 -18.18 14.06
N PHE B 201 -21.16 -18.25 13.12
CA PHE B 201 -22.56 -17.90 13.37
C PHE B 201 -23.54 -18.78 12.61
N ARG B 202 -24.32 -19.59 13.35
CA ARG B 202 -25.33 -20.45 12.72
C ARG B 202 -26.68 -19.73 12.66
N THR B 203 -27.23 -19.67 11.44
CA THR B 203 -28.53 -19.04 11.16
C THR B 203 -29.68 -19.83 11.80
N PRO B 204 -30.84 -19.19 12.11
CA PRO B 204 -31.94 -19.97 12.69
C PRO B 204 -32.74 -20.73 11.64
C1 GU4 C . -38.41 -16.36 -20.35
O5 GU4 C . -39.39 -15.44 -19.77
C5 GU4 C . -40.27 -16.00 -18.71
C6 GU4 C . -40.88 -14.83 -17.93
O6 GU4 C . -41.04 -13.69 -18.79
S6 GU4 C . -42.34 -13.38 -19.59
O22 GU4 C . -41.98 -12.85 -20.99
O23 GU4 C . -43.13 -12.30 -18.83
O21 GU4 C . -43.21 -14.63 -19.75
C4 GU4 C . -39.61 -17.07 -17.74
O4 GU4 C . -40.55 -18.22 -17.46
S4 GU4 C . -41.17 -19.27 -18.44
O25 GU4 C . -41.63 -20.45 -17.59
O26 GU4 C . -42.36 -18.65 -19.19
O24 GU4 C . -40.16 -19.79 -19.46
C3 GU4 C . -38.14 -17.59 -18.14
O3 GU4 C . -37.31 -17.90 -16.98
S3 GU4 C . -36.40 -19.14 -16.98
O28 GU4 C . -36.65 -19.99 -18.24
O29 GU4 C . -36.65 -19.98 -15.73
O27 GU4 C . -34.93 -18.70 -16.97
C2 GU4 C . -37.38 -16.75 -19.24
O2 GU4 C . -36.14 -17.40 -19.80
S2 GU4 C . -34.72 -16.76 -19.77
O11 GU4 C . -34.57 -15.73 -20.88
O12 GU4 C . -34.47 -16.06 -18.44
O10 GU4 C . -33.65 -17.84 -20.01
C1 YYJ C . -40.07 -16.29 -23.00
C2 YYJ C . -39.32 -17.58 -22.51
C3 YYJ C . -38.03 -17.91 -23.34
C4 YYJ C . -38.04 -19.41 -23.03
C5 YYJ C . -39.39 -19.65 -23.70
C6 YYJ C . -39.77 -21.12 -24.04
O1 YYJ C . -40.84 -16.50 -24.21
O1S1 YYJ C . -42.54 -17.99 -25.16
O1S3 YYJ C . -35.04 -15.42 -23.60
O1S4 YYJ C . -34.99 -21.64 -22.82
O1S6 YYJ C . -42.27 -22.25 -21.35
O2 YYJ C . -38.99 -17.57 -21.02
O2S1 YYJ C . -42.80 -17.26 -22.78
O2S3 YYJ C . -37.01 -15.62 -25.04
O2S4 YYJ C . -36.40 -20.61 -21.05
O2S6 YYJ C . -42.69 -21.00 -23.44
O3 YYJ C . -36.82 -17.11 -22.97
O3S1 YYJ C . -43.17 -15.63 -24.64
O3S3 YYJ C . -37.25 -14.60 -22.79
O3S4 YYJ C . -37.29 -22.51 -22.41
O3S6 YYJ C . -42.23 -23.44 -23.51
O4 YYJ C . -36.97 -20.22 -23.47
O5 YYJ C . -40.19 -18.80 -22.82
O6 YYJ C . -40.36 -21.82 -22.92
S1 YYJ C . -42.35 -16.83 -24.18
S3 YYJ C . -36.54 -15.71 -23.59
S4 YYJ C . -36.42 -21.24 -22.44
S6 YYJ C . -41.86 -22.13 -22.81
C1 GU4 D . 35.88 31.15 21.17
O5 GU4 D . 35.99 32.09 20.04
C5 GU4 D . 37.30 32.14 19.34
C6 GU4 D . 37.20 33.03 18.09
O6 GU4 D . 36.24 34.08 18.28
S6 GU4 D . 36.64 35.55 18.47
O22 GU4 D . 35.41 36.34 18.91
O23 GU4 D . 37.16 36.11 17.14
O21 GU4 D . 37.73 35.68 19.53
C4 GU4 D . 37.88 30.69 18.98
O4 GU4 D . 39.32 30.73 18.59
S4 GU4 D . 40.56 31.13 19.43
O25 GU4 D . 41.81 30.92 18.57
O26 GU4 D . 40.50 32.60 19.85
O24 GU4 D . 40.69 30.25 20.67
C3 GU4 D . 37.52 29.55 20.04
O3 GU4 D . 37.71 28.20 19.50
S3 GU4 D . 38.40 27.04 20.26
O28 GU4 D . 38.23 27.16 21.78
O29 GU4 D . 39.90 27.05 19.93
O27 GU4 D . 37.80 25.71 19.80
C2 GU4 D . 36.05 29.71 20.59
O2 GU4 D . 35.73 28.69 21.60
S2 GU4 D . 34.89 27.42 21.33
O11 GU4 D . 33.42 27.70 21.65
O12 GU4 D . 35.01 26.97 19.88
O10 GU4 D . 35.38 26.31 22.25
C1 YYJ D . 36.18 33.40 23.67
C2 YYJ D . 36.74 31.95 23.59
C3 YYJ D . 35.98 30.97 24.57
C4 YYJ D . 37.06 29.87 24.76
C5 YYJ D . 38.39 30.67 24.76
C6 YYJ D . 39.45 29.91 23.93
O1 YYJ D . 37.08 34.29 24.36
O1S1 YYJ D . 39.12 34.49 22.91
O1S3 YYJ D . 32.29 29.86 24.05
O1S4 YYJ D . 36.78 26.98 27.30
O1S6 YYJ D . 42.14 28.64 23.07
O2 YYJ D . 36.93 31.43 22.19
O2S1 YYJ D . 37.25 36.10 22.60
O2S3 YYJ D . 33.15 31.66 25.53
O2S4 YYJ D . 37.86 26.99 25.05
O2S6 YYJ D . 43.15 29.92 24.97
O3 YYJ D . 34.73 30.40 24.00
O3S1 YYJ D . 38.63 36.21 24.66
O3S3 YYJ D . 33.04 32.01 23.05
O3S4 YYJ D . 38.97 28.09 26.99
O3S6 YYJ D . 41.50 28.10 25.42
O4 YYJ D . 36.90 29.13 26.02
O5 YYJ D . 38.08 31.97 24.15
O6 YYJ D . 40.76 30.27 24.40
S1 YYJ D . 38.01 35.27 23.63
S3 YYJ D . 33.32 30.99 24.17
S4 YYJ D . 37.63 27.80 26.33
S6 YYJ D . 41.89 29.23 24.46
C1 NAG E . -16.74 -22.18 -17.44
C2 NAG E . -15.33 -22.43 -17.96
C3 NAG E . -15.61 -22.90 -19.40
C4 NAG E . -16.49 -24.16 -19.42
C5 NAG E . -17.75 -23.98 -18.58
C6 NAG E . -18.51 -25.26 -18.31
C7 NAG E . -13.69 -20.85 -17.02
C8 NAG E . -12.77 -19.72 -17.36
N2 NAG E . -14.55 -21.21 -17.99
O3 NAG E . -14.39 -23.13 -20.08
O4 NAG E . -16.88 -24.43 -20.76
O5 NAG E . -17.42 -23.42 -17.30
O6 NAG E . -19.65 -25.00 -17.50
O7 NAG E . -13.65 -21.41 -15.93
NA NA F . 3.01 8.28 -6.41
NA NA G . -5.62 6.62 5.26
#